data_3E5Z
#
_entry.id   3E5Z
#
_cell.length_a   44.420
_cell.length_b   93.400
_cell.length_c   76.990
_cell.angle_alpha   90.00
_cell.angle_beta   98.67
_cell.angle_gamma   90.00
#
_symmetry.space_group_name_H-M   'P 1 21 1'
#
loop_
_entity.id
_entity.type
_entity.pdbx_description
1 polymer 'putative Gluconolactonase'
2 non-polymer 'MAGNESIUM ION'
3 water water
#
_entity_poly.entity_id   1
_entity_poly.type   'polypeptide(L)'
_entity_poly.pdbx_seq_one_letter_code
;(MSE)TLRAARPEFLDLFPAGAEARRLADGFTWTEGPVYVPARSAVIFSDVRQNRTWAWSDDGQLSPE(MSE)HPSHHQN
GHCLNKQGHLIACSHGLRRLERQREPGGEWESIADSFEGKKLNSPNDVCLAPDGSLWFSDPTYGIDKPEEGYGGE(MSE)
ELPGRWVFRLAPDGTLSAPIRDRVKPNGLAFLPSGNLLVSDTGDNATHRYCLNARGETEYQGVHFTVEPGKTDGLRVDAG
GLIWASAGDGVHVLTPDGDELGRVLTPQTTSNLCFGGPEGRTLY(MSE)TVSTEFWSIETNVRGLEHHHHHH
;
_entity_poly.pdbx_strand_id   A,B
#
loop_
_chem_comp.id
_chem_comp.type
_chem_comp.name
_chem_comp.formula
MG non-polymer 'MAGNESIUM ION' 'Mg 2'
#
# COMPACT_ATOMS: atom_id res chain seq x y z
N THR A 2 21.10 13.02 4.77
CA THR A 2 21.55 11.79 4.05
C THR A 2 22.43 10.88 4.91
N LEU A 3 22.58 9.65 4.44
CA LEU A 3 23.22 8.60 5.22
C LEU A 3 24.63 8.36 4.72
N ARG A 4 25.54 8.21 5.68
CA ARG A 4 26.92 7.86 5.39
C ARG A 4 27.30 6.72 6.32
N ALA A 5 27.31 5.51 5.77
CA ALA A 5 27.67 4.29 6.51
C ALA A 5 29.17 4.13 6.73
N ALA A 6 29.55 3.85 7.97
CA ALA A 6 30.91 3.41 8.30
C ALA A 6 30.98 1.88 8.32
N ARG A 7 29.83 1.25 8.57
CA ARG A 7 29.67 -0.21 8.51
C ARG A 7 28.33 -0.56 7.84
N PRO A 8 28.29 -1.63 7.02
CA PRO A 8 27.10 -2.06 6.27
C PRO A 8 25.79 -2.13 7.07
N GLU A 9 25.83 -2.65 8.30
CA GLU A 9 24.62 -2.86 9.09
C GLU A 9 23.90 -1.55 9.45
N PHE A 10 24.60 -0.43 9.23
CA PHE A 10 24.03 0.91 9.43
C PHE A 10 22.79 1.12 8.60
N LEU A 11 22.82 0.66 7.35
CA LEU A 11 21.68 0.85 6.45
C LEU A 11 20.42 0.09 6.89
N ASP A 12 20.60 -1.03 7.58
CA ASP A 12 19.46 -1.75 8.18
C ASP A 12 18.61 -0.86 9.10
N LEU A 13 19.19 0.24 9.58
CA LEU A 13 18.52 1.08 10.56
C LEU A 13 17.45 2.00 9.95
N PHE A 14 17.47 2.12 8.63
CA PHE A 14 16.56 3.04 7.91
C PHE A 14 15.82 2.34 6.76
N PRO A 15 14.55 2.71 6.53
CA PRO A 15 13.84 2.24 5.31
C PRO A 15 14.62 2.62 4.06
N ALA A 16 14.43 1.89 2.97
CA ALA A 16 15.16 2.21 1.74
C ALA A 16 14.71 3.60 1.23
N GLY A 17 15.66 4.37 0.73
CA GLY A 17 15.39 5.73 0.28
C GLY A 17 15.10 6.73 1.41
N ALA A 18 15.43 6.34 2.65
CA ALA A 18 15.26 7.26 3.80
C ALA A 18 16.25 8.40 3.68
N GLU A 19 15.77 9.61 3.92
CA GLU A 19 16.64 10.78 3.83
C GLU A 19 16.27 11.78 4.91
N ALA A 20 17.29 12.40 5.50
CA ALA A 20 17.07 13.53 6.42
C ALA A 20 16.51 14.68 5.58
N ARG A 21 15.42 15.26 6.06
CA ARG A 21 14.79 16.39 5.38
C ARG A 21 14.39 17.45 6.40
N ARG A 22 14.45 18.72 6.00
CA ARG A 22 14.04 19.83 6.85
C ARG A 22 12.53 19.84 6.98
N LEU A 23 12.06 19.98 8.21
CA LEU A 23 10.64 20.12 8.49
C LEU A 23 10.19 21.57 8.57
N ALA A 24 11.08 22.43 9.07
CA ALA A 24 10.75 23.81 9.42
C ALA A 24 12.02 24.62 9.59
N ASP A 25 11.94 25.92 9.33
CA ASP A 25 13.08 26.82 9.53
C ASP A 25 12.62 28.13 10.18
N GLY A 26 13.50 29.12 10.20
CA GLY A 26 13.19 30.40 10.80
C GLY A 26 13.49 30.51 12.29
N PHE A 27 14.09 29.46 12.88
CA PHE A 27 14.46 29.45 14.30
C PHE A 27 15.86 30.04 14.52
N THR A 28 16.23 30.26 15.77
CA THR A 28 17.59 30.73 16.09
C THR A 28 18.48 29.57 16.56
N TRP A 29 18.03 28.86 17.60
CA TRP A 29 18.78 27.71 18.12
C TRP A 29 17.84 26.66 18.70
N THR A 30 17.40 25.73 17.86
CA THR A 30 16.50 24.67 18.30
C THR A 30 17.21 23.73 19.26
N GLU A 31 16.41 23.14 20.17
CA GLU A 31 16.93 22.30 21.24
C GLU A 31 15.80 21.52 21.90
N GLY A 32 16.18 20.57 22.75
CA GLY A 32 15.27 19.90 23.70
C GLY A 32 13.98 19.28 23.17
N PRO A 33 14.07 18.45 22.12
CA PRO A 33 12.85 17.86 21.58
C PRO A 33 12.42 16.61 22.33
N VAL A 34 11.12 16.47 22.55
CA VAL A 34 10.53 15.21 23.04
C VAL A 34 9.16 14.95 22.40
N TYR A 35 8.88 13.71 22.05
CA TYR A 35 7.61 13.36 21.45
C TYR A 35 6.62 13.08 22.57
N VAL A 36 5.43 13.65 22.46
CA VAL A 36 4.40 13.45 23.50
C VAL A 36 3.25 12.71 22.82
N PRO A 37 3.13 11.39 23.05
CA PRO A 37 2.09 10.62 22.36
C PRO A 37 0.65 11.12 22.55
N ALA A 38 0.35 11.61 23.75
CA ALA A 38 -1.01 12.07 24.07
C ALA A 38 -1.43 13.29 23.25
N ARG A 39 -0.43 14.04 22.76
CA ARG A 39 -0.63 15.23 21.98
C ARG A 39 -0.29 14.97 20.50
N SER A 40 0.19 13.76 20.19
CA SER A 40 0.59 13.40 18.82
C SER A 40 1.47 14.50 18.25
N ALA A 41 2.50 14.89 18.99
CA ALA A 41 3.35 16.02 18.59
C ALA A 41 4.68 15.97 19.30
N VAL A 42 5.73 16.44 18.63
CA VAL A 42 7.02 16.67 19.24
C VAL A 42 7.02 18.10 19.77
N ILE A 43 7.40 18.30 21.03
CA ILE A 43 7.63 19.65 21.57
C ILE A 43 9.14 19.92 21.56
N PHE A 44 9.55 21.09 21.08
CA PHE A 44 10.94 21.47 21.13
C PHE A 44 11.05 22.95 21.42
N SER A 45 12.23 23.36 21.88
CA SER A 45 12.52 24.73 22.27
C SER A 45 13.30 25.44 21.17
N ASP A 46 13.13 26.75 21.10
CA ASP A 46 14.10 27.61 20.47
C ASP A 46 14.68 28.41 21.63
N VAL A 47 15.85 27.98 22.12
CA VAL A 47 16.43 28.52 23.35
C VAL A 47 16.72 30.02 23.24
N ARG A 48 17.18 30.43 22.07
CA ARG A 48 17.59 31.82 21.84
C ARG A 48 16.45 32.75 21.41
N GLN A 49 15.23 32.22 21.32
CA GLN A 49 14.04 33.05 21.05
C GLN A 49 13.00 33.02 22.18
N ASN A 50 13.32 32.35 23.28
CA ASN A 50 12.44 32.33 24.47
C ASN A 50 11.05 31.77 24.12
N ARG A 51 11.01 30.68 23.36
CA ARG A 51 9.76 30.05 22.99
C ARG A 51 9.92 28.59 22.67
N THR A 52 8.82 27.86 22.78
CA THR A 52 8.80 26.46 22.40
C THR A 52 7.78 26.27 21.28
N TRP A 53 7.92 25.17 20.56
CA TRP A 53 7.10 24.92 19.40
C TRP A 53 6.57 23.52 19.48
N ALA A 54 5.50 23.23 18.73
CA ALA A 54 5.02 21.87 18.55
C ALA A 54 4.99 21.50 17.07
N TRP A 55 5.49 20.29 16.76
CA TRP A 55 5.38 19.70 15.42
C TRP A 55 4.48 18.44 15.46
N SER A 56 3.28 18.56 14.89
CA SER A 56 2.27 17.51 15.00
C SER A 56 2.56 16.37 14.02
N ASP A 57 1.97 15.21 14.28
CA ASP A 57 2.19 14.08 13.38
C ASP A 57 1.57 14.32 12.03
N ASP A 58 0.54 15.16 11.96
CA ASP A 58 -0.03 15.54 10.65
C ASP A 58 0.75 16.64 9.91
N GLY A 59 1.93 16.97 10.43
CA GLY A 59 2.89 17.82 9.73
C GLY A 59 2.67 19.31 9.86
N GLN A 60 2.18 19.74 11.02
CA GLN A 60 1.96 21.16 11.27
C GLN A 60 2.88 21.70 12.37
N LEU A 61 3.44 22.88 12.12
CA LEU A 61 4.19 23.62 13.12
C LEU A 61 3.26 24.58 13.83
N SER A 62 3.22 24.49 15.16
CA SER A 62 2.43 25.45 15.94
C SER A 62 3.20 26.04 17.13
N PRO A 63 2.98 27.34 17.44
CA PRO A 63 3.60 27.87 18.66
C PRO A 63 3.10 27.14 19.90
N GLU A 64 4.02 26.85 20.82
CA GLU A 64 3.66 26.17 22.04
C GLU A 64 3.63 27.16 23.21
N MSE A 65 4.77 27.77 23.53
CA MSE A 65 4.86 28.63 24.71
C MSE A 65 5.63 29.89 24.39
O MSE A 65 6.69 29.84 23.77
CB MSE A 65 5.55 27.84 25.82
CG MSE A 65 5.43 28.36 27.23
SE MSE A 65 6.64 27.22 28.29
CE MSE A 65 6.24 25.50 27.41
N HIS A 66 5.09 31.03 24.80
CA HIS A 66 5.78 32.30 24.69
C HIS A 66 5.30 33.29 25.75
N PRO A 67 6.21 33.75 26.62
CA PRO A 67 7.60 33.31 26.66
C PRO A 67 7.67 31.94 27.31
N SER A 68 8.73 31.20 27.04
CA SER A 68 8.90 29.90 27.65
C SER A 68 9.87 30.02 28.82
N HIS A 69 10.35 31.23 29.08
CA HIS A 69 11.43 31.47 30.07
C HIS A 69 12.67 30.64 29.74
N HIS A 70 12.99 30.63 28.44
CA HIS A 70 14.11 29.93 27.87
C HIS A 70 14.16 28.46 28.34
N GLN A 71 13.07 27.73 28.13
CA GLN A 71 13.07 26.28 28.29
C GLN A 71 14.09 25.71 27.32
N ASN A 72 14.74 24.63 27.72
CA ASN A 72 15.75 24.00 26.87
C ASN A 72 15.35 22.54 26.65
N GLY A 73 15.92 21.63 27.44
CA GLY A 73 15.62 20.19 27.26
C GLY A 73 14.25 19.79 27.75
N HIS A 74 13.71 18.71 27.19
CA HIS A 74 12.41 18.16 27.64
C HIS A 74 12.46 16.63 27.73
N CYS A 75 11.58 16.07 28.56
CA CYS A 75 11.29 14.64 28.57
C CYS A 75 9.89 14.46 29.13
N LEU A 76 9.42 13.21 29.19
CA LEU A 76 8.22 12.88 29.92
C LEU A 76 8.61 12.16 31.19
N ASN A 77 7.85 12.40 32.26
CA ASN A 77 7.93 11.59 33.47
C ASN A 77 7.14 10.27 33.33
N LYS A 78 7.14 9.46 34.38
CA LYS A 78 6.48 8.15 34.34
C LYS A 78 5.01 8.25 33.92
N GLN A 79 4.35 9.35 34.31
CA GLN A 79 2.93 9.53 34.02
C GLN A 79 2.68 10.15 32.66
N GLY A 80 3.75 10.43 31.94
CA GLY A 80 3.62 11.07 30.63
C GLY A 80 3.36 12.57 30.71
N HIS A 81 3.69 13.18 31.84
CA HIS A 81 3.67 14.64 31.95
C HIS A 81 4.88 15.24 31.28
N LEU A 82 4.71 16.41 30.66
CA LEU A 82 5.82 17.09 30.02
C LEU A 82 6.74 17.71 31.08
N ILE A 83 8.03 17.42 30.96
CA ILE A 83 9.04 17.92 31.90
C ILE A 83 9.94 18.83 31.11
N ALA A 84 10.15 20.04 31.63
CA ALA A 84 11.08 20.98 31.01
C ALA A 84 12.23 21.42 31.93
N CYS A 85 13.41 21.55 31.34
CA CYS A 85 14.51 22.32 31.93
C CYS A 85 14.35 23.79 31.60
N SER A 86 14.39 24.67 32.62
CA SER A 86 14.21 26.10 32.38
C SER A 86 15.46 26.92 32.70
N HIS A 87 16.03 27.56 31.67
CA HIS A 87 17.19 28.45 31.83
C HIS A 87 16.81 29.71 32.61
N GLY A 88 15.65 30.26 32.25
CA GLY A 88 15.20 31.55 32.77
C GLY A 88 14.75 31.48 34.21
N LEU A 89 14.05 30.41 34.55
CA LEU A 89 13.59 30.18 35.92
C LEU A 89 14.55 29.30 36.73
N ARG A 90 15.59 28.78 36.08
CA ARG A 90 16.66 28.03 36.74
C ARG A 90 16.11 26.84 37.54
N ARG A 91 15.22 26.09 36.91
CA ARG A 91 14.49 25.05 37.59
C ARG A 91 14.06 23.94 36.64
N LEU A 92 13.65 22.81 37.21
CA LEU A 92 12.99 21.78 36.47
C LEU A 92 11.50 21.92 36.77
N GLU A 93 10.68 21.82 35.74
CA GLU A 93 9.26 22.12 35.86
C GLU A 93 8.44 21.12 35.10
N ARG A 94 7.17 21.01 35.49
CA ARG A 94 6.26 20.00 34.94
C ARG A 94 4.95 20.60 34.43
N GLN A 95 4.49 20.12 33.29
CA GLN A 95 3.18 20.49 32.78
C GLN A 95 2.31 19.24 32.63
N ARG A 96 1.16 19.22 33.31
CA ARG A 96 0.29 18.04 33.27
C ARG A 96 -0.49 17.94 31.96
N GLU A 97 -1.02 19.07 31.49
CA GLU A 97 -1.93 19.07 30.35
C GLU A 97 -1.57 20.19 29.36
N PRO A 98 -1.97 20.04 28.08
CA PRO A 98 -1.72 21.15 27.13
C PRO A 98 -2.37 22.44 27.62
N GLY A 99 -1.62 23.54 27.56
CA GLY A 99 -2.10 24.82 28.06
C GLY A 99 -2.14 24.93 29.57
N GLY A 100 -1.71 23.89 30.28
CA GLY A 100 -1.80 23.89 31.76
C GLY A 100 -0.68 24.69 32.39
N GLU A 101 -0.88 25.07 33.66
CA GLU A 101 0.15 25.80 34.41
C GLU A 101 1.42 24.95 34.60
N TRP A 102 2.55 25.62 34.72
CA TRP A 102 3.84 24.96 34.92
C TRP A 102 4.17 24.90 36.40
N GLU A 103 4.52 23.71 36.87
CA GLU A 103 4.81 23.51 38.28
C GLU A 103 6.31 23.26 38.49
N SER A 104 6.93 24.00 39.40
CA SER A 104 8.34 23.74 39.75
C SER A 104 8.44 22.37 40.42
N ILE A 105 9.41 21.55 40.03
CA ILE A 105 9.62 20.29 40.73
C ILE A 105 11.03 20.18 41.32
N ALA A 106 11.96 20.96 40.78
CA ALA A 106 13.25 21.20 41.43
C ALA A 106 13.75 22.63 41.15
N ASP A 107 13.84 23.46 42.18
CA ASP A 107 14.35 24.83 42.00
C ASP A 107 15.46 25.29 42.95
N SER A 108 15.98 24.38 43.75
CA SER A 108 17.10 24.72 44.64
C SER A 108 17.72 23.46 45.20
N PHE A 109 18.99 23.57 45.61
CA PHE A 109 19.70 22.49 46.26
C PHE A 109 20.43 23.01 47.49
N GLU A 110 19.96 22.58 48.66
CA GLU A 110 20.61 22.89 49.94
C GLU A 110 20.75 24.39 50.15
N GLY A 111 19.67 25.11 49.90
CA GLY A 111 19.61 26.56 50.11
C GLY A 111 20.28 27.38 49.02
N LYS A 112 20.55 26.76 47.88
CA LYS A 112 21.21 27.46 46.78
C LYS A 112 20.39 27.36 45.51
N LYS A 113 20.42 28.40 44.67
CA LYS A 113 19.75 28.29 43.37
C LYS A 113 20.46 27.27 42.50
N LEU A 114 19.72 26.64 41.59
CA LEU A 114 20.34 25.80 40.58
C LEU A 114 20.99 26.71 39.56
N ASN A 115 21.93 26.18 38.78
CA ASN A 115 22.57 26.98 37.73
C ASN A 115 21.58 27.32 36.62
N SER A 116 21.21 26.30 35.86
CA SER A 116 20.32 26.46 34.71
C SER A 116 20.22 25.12 33.99
N PRO A 117 19.26 24.29 34.44
CA PRO A 117 19.02 22.96 33.89
C PRO A 117 19.02 22.97 32.37
N ASN A 118 19.73 22.01 31.79
CA ASN A 118 19.94 21.99 30.35
C ASN A 118 19.19 20.86 29.63
N ASP A 119 19.33 19.64 30.13
CA ASP A 119 18.65 18.48 29.57
C ASP A 119 18.23 17.55 30.70
N VAL A 120 17.28 16.68 30.40
CA VAL A 120 16.64 15.87 31.41
C VAL A 120 16.21 14.54 30.80
N CYS A 121 16.21 13.48 31.60
CA CYS A 121 15.72 12.20 31.12
C CYS A 121 15.11 11.37 32.26
N LEU A 122 14.27 10.40 31.90
CA LEU A 122 13.59 9.56 32.87
C LEU A 122 14.32 8.24 33.09
N ALA A 123 14.55 7.92 34.36
CA ALA A 123 15.22 6.71 34.79
C ALA A 123 14.20 5.58 34.99
N PRO A 124 14.64 4.32 34.85
CA PRO A 124 13.71 3.18 34.96
C PRO A 124 12.96 3.14 36.30
N ASP A 125 13.60 3.64 37.36
CA ASP A 125 12.95 3.71 38.66
C ASP A 125 12.00 4.90 38.81
N GLY A 126 11.87 5.71 37.76
CA GLY A 126 10.95 6.85 37.78
C GLY A 126 11.63 8.17 38.12
N SER A 127 12.90 8.11 38.48
CA SER A 127 13.63 9.32 38.80
C SER A 127 13.86 10.16 37.55
N LEU A 128 13.89 11.48 37.75
CA LEU A 128 14.24 12.44 36.70
C LEU A 128 15.68 12.91 36.93
N TRP A 129 16.53 12.69 35.93
CA TRP A 129 17.92 13.11 35.99
C TRP A 129 18.14 14.29 35.09
N PHE A 130 18.73 15.36 35.62
CA PHE A 130 19.01 16.54 34.81
C PHE A 130 20.40 17.12 34.97
N SER A 131 20.93 17.65 33.88
CA SER A 131 22.23 18.31 33.86
C SER A 131 22.07 19.79 34.19
N ASP A 132 23.01 20.32 34.98
CA ASP A 132 22.91 21.68 35.44
C ASP A 132 24.16 22.48 35.10
N PRO A 133 24.49 22.66 33.80
CA PRO A 133 25.66 23.45 33.49
C PRO A 133 25.23 24.91 33.59
N THR A 134 26.06 25.84 33.16
CA THR A 134 25.82 27.26 33.46
C THR A 134 25.47 28.11 32.22
N TYR A 135 25.27 27.45 31.07
CA TYR A 135 24.87 28.16 29.84
C TYR A 135 23.68 29.08 30.01
N GLY A 136 22.66 28.64 30.74
CA GLY A 136 21.44 29.42 30.90
C GLY A 136 21.63 30.75 31.61
N ILE A 137 22.59 30.82 32.53
CA ILE A 137 22.91 32.08 33.21
C ILE A 137 24.15 32.81 32.66
N ASP A 138 25.00 32.11 31.92
CA ASP A 138 26.23 32.70 31.32
C ASP A 138 25.93 33.51 30.06
N LYS A 139 24.98 33.04 29.27
CA LYS A 139 24.71 33.60 27.94
C LYS A 139 23.40 34.40 27.97
N PRO A 140 23.47 35.73 27.83
CA PRO A 140 22.21 36.50 28.02
C PRO A 140 21.14 36.19 26.96
N GLU A 141 21.59 35.68 25.82
CA GLU A 141 20.72 35.27 24.72
C GLU A 141 19.94 33.99 25.06
N GLU A 142 20.43 33.26 26.07
CA GLU A 142 19.85 31.98 26.43
C GLU A 142 19.14 31.93 27.79
N GLY A 143 18.92 33.09 28.38
CA GLY A 143 18.22 33.14 29.66
C GLY A 143 18.00 34.57 30.13
N TYR A 144 17.74 34.69 31.43
CA TYR A 144 17.49 35.97 32.06
C TYR A 144 18.68 36.42 32.90
N GLY A 145 19.87 35.85 32.65
CA GLY A 145 21.05 36.17 33.46
C GLY A 145 21.00 35.47 34.81
N GLY A 146 21.75 36.00 35.78
CA GLY A 146 21.84 35.43 37.11
C GLY A 146 23.27 35.06 37.42
N GLU A 147 23.57 34.79 38.68
CA GLU A 147 24.92 34.29 38.99
C GLU A 147 24.89 32.92 39.63
N MSE A 148 26.00 32.20 39.46
CA MSE A 148 26.13 30.87 40.00
C MSE A 148 26.17 30.89 41.51
O MSE A 148 26.84 31.73 42.11
CB MSE A 148 27.42 30.27 39.45
CG MSE A 148 27.56 28.80 39.56
SE MSE A 148 29.30 28.38 38.80
CE MSE A 148 29.47 29.81 37.45
N GLU A 149 25.44 29.97 42.14
CA GLU A 149 25.42 29.84 43.59
C GLU A 149 26.01 28.51 44.04
N LEU A 150 25.86 27.48 43.22
CA LEU A 150 26.37 26.14 43.52
C LEU A 150 27.87 26.05 43.27
N PRO A 151 28.56 25.11 43.96
CA PRO A 151 30.02 24.87 43.81
C PRO A 151 30.50 24.38 42.44
N GLY A 152 29.60 23.81 41.65
CA GLY A 152 29.97 23.24 40.37
C GLY A 152 28.75 22.97 39.51
N ARG A 153 28.98 22.30 38.38
CA ARG A 153 27.98 22.06 37.35
C ARG A 153 27.71 20.56 37.37
N TRP A 154 26.57 20.20 37.93
CA TRP A 154 26.29 18.83 38.33
C TRP A 154 25.19 18.13 37.53
N VAL A 155 25.11 16.80 37.68
CA VAL A 155 23.92 16.07 37.23
C VAL A 155 23.10 15.71 38.46
N PHE A 156 21.84 16.11 38.45
CA PHE A 156 20.95 15.90 39.59
C PHE A 156 20.04 14.72 39.36
N ARG A 157 19.63 14.09 40.45
CA ARG A 157 18.58 13.08 40.45
C ARG A 157 17.40 13.54 41.30
N LEU A 158 16.24 13.62 40.66
CA LEU A 158 15.03 13.97 41.37
C LEU A 158 14.20 12.70 41.55
N ALA A 159 14.26 12.15 42.76
CA ALA A 159 13.56 10.90 43.09
C ALA A 159 12.05 11.08 42.95
N PRO A 160 11.32 9.99 42.62
CA PRO A 160 9.88 10.13 42.46
C PRO A 160 9.18 10.67 43.73
N ASP A 161 9.75 10.38 44.91
CA ASP A 161 9.19 10.86 46.18
C ASP A 161 9.47 12.33 46.49
N GLY A 162 10.24 13.01 45.62
CA GLY A 162 10.60 14.42 45.84
C GLY A 162 12.03 14.70 46.31
N THR A 163 12.78 13.66 46.68
CA THR A 163 14.18 13.82 47.13
C THR A 163 15.13 14.21 45.99
N LEU A 164 15.82 15.35 46.17
CA LEU A 164 16.79 15.84 45.18
C LEU A 164 18.23 15.59 45.63
N SER A 165 19.05 15.01 44.75
CA SER A 165 20.46 14.79 45.04
C SER A 165 21.32 15.12 43.83
N ALA A 166 22.62 15.29 44.06
CA ALA A 166 23.59 15.56 42.97
C ALA A 166 24.70 14.52 42.98
N PRO A 167 24.41 13.34 42.41
CA PRO A 167 25.39 12.26 42.45
C PRO A 167 26.58 12.42 41.50
N ILE A 168 26.46 13.28 40.49
CA ILE A 168 27.57 13.43 39.51
C ILE A 168 28.17 14.83 39.55
N ARG A 169 29.36 14.92 40.11
CA ARG A 169 30.00 16.20 40.40
C ARG A 169 31.38 16.35 39.79
N ASP A 170 31.79 15.37 38.99
CA ASP A 170 33.11 15.37 38.40
C ASP A 170 33.14 15.80 36.93
N ARG A 171 32.03 16.33 36.43
CA ARG A 171 31.97 16.80 35.05
C ARG A 171 32.29 18.29 34.94
N VAL A 172 32.70 18.73 33.75
CA VAL A 172 33.04 20.14 33.53
C VAL A 172 31.76 20.91 33.15
N LYS A 173 31.20 20.64 31.98
CA LYS A 173 29.87 21.13 31.61
C LYS A 173 28.99 19.95 31.17
N PRO A 174 28.38 19.24 32.14
CA PRO A 174 27.48 18.13 31.79
C PRO A 174 26.31 18.69 31.00
N ASN A 175 25.85 17.92 30.00
CA ASN A 175 24.92 18.46 29.03
C ASN A 175 23.81 17.43 28.67
N GLY A 176 24.07 16.60 27.67
CA GLY A 176 23.14 15.53 27.32
C GLY A 176 23.22 14.38 28.30
N LEU A 177 22.11 13.68 28.48
CA LEU A 177 22.03 12.52 29.36
C LEU A 177 21.20 11.47 28.69
N ALA A 178 21.65 10.21 28.72
CA ALA A 178 20.79 9.12 28.27
C ALA A 178 21.06 7.83 29.01
N PHE A 179 20.00 7.19 29.50
CA PHE A 179 20.13 5.86 30.10
C PHE A 179 20.32 4.73 29.08
N LEU A 180 21.04 3.72 29.49
CA LEU A 180 21.31 2.55 28.67
C LEU A 180 20.42 1.40 29.13
N PRO A 181 20.28 0.34 28.29
CA PRO A 181 19.47 -0.79 28.70
C PRO A 181 19.89 -1.39 30.04
N SER A 182 21.19 -1.34 30.35
CA SER A 182 21.71 -1.82 31.62
C SER A 182 21.20 -1.01 32.82
N GLY A 183 20.75 0.21 32.56
CA GLY A 183 20.28 1.13 33.60
C GLY A 183 21.38 2.06 34.06
N ASN A 184 22.55 1.90 33.44
CA ASN A 184 23.65 2.83 33.63
C ASN A 184 23.43 4.09 32.78
N LEU A 185 24.24 5.10 33.00
CA LEU A 185 23.97 6.42 32.42
C LEU A 185 25.12 6.95 31.57
N LEU A 186 24.79 7.57 30.45
CA LEU A 186 25.75 8.31 29.62
C LEU A 186 25.57 9.80 29.84
N VAL A 187 26.68 10.54 29.91
CA VAL A 187 26.68 11.99 30.14
C VAL A 187 27.63 12.69 29.17
N SER A 188 27.09 13.51 28.29
CA SER A 188 27.94 14.28 27.40
C SER A 188 28.47 15.48 28.17
N ASP A 189 29.72 15.83 27.93
CA ASP A 189 30.34 16.95 28.60
C ASP A 189 30.81 17.90 27.51
N THR A 190 30.24 19.10 27.45
CA THR A 190 30.61 20.09 26.43
C THR A 190 31.78 21.01 26.82
N GLY A 191 32.41 20.70 27.94
CA GLY A 191 33.65 21.37 28.36
C GLY A 191 34.79 20.41 28.10
N ASP A 192 34.57 19.16 28.48
CA ASP A 192 35.44 18.03 28.20
C ASP A 192 35.43 17.63 26.74
N ASN A 193 34.31 17.91 26.06
CA ASN A 193 34.11 17.50 24.64
C ASN A 193 34.18 16.00 24.45
N ALA A 194 33.45 15.28 25.30
CA ALA A 194 33.43 13.83 25.30
C ALA A 194 32.16 13.33 25.96
N THR A 195 31.77 12.08 25.67
CA THR A 195 30.62 11.49 26.34
C THR A 195 31.09 10.45 27.36
N HIS A 196 30.56 10.52 28.57
CA HIS A 196 31.10 9.76 29.69
C HIS A 196 30.13 8.71 30.19
N ARG A 197 30.65 7.65 30.79
CA ARG A 197 29.79 6.57 31.25
C ARG A 197 29.89 6.35 32.76
N TYR A 198 28.73 6.25 33.40
CA TYR A 198 28.61 6.02 34.85
C TYR A 198 27.79 4.80 35.13
N CYS A 199 28.22 4.02 36.11
CA CYS A 199 27.39 2.96 36.66
C CYS A 199 26.58 3.49 37.82
N LEU A 200 25.33 3.07 37.91
CA LEU A 200 24.48 3.55 39.00
C LEU A 200 24.30 2.44 40.02
N ASN A 201 25.00 2.61 41.14
CA ASN A 201 25.07 1.60 42.20
C ASN A 201 23.74 1.53 42.98
N ALA A 202 22.64 1.69 42.25
CA ALA A 202 21.31 1.76 42.82
C ALA A 202 21.09 3.04 43.64
N ARG A 203 19.92 3.65 43.40
CA ARG A 203 19.37 4.70 44.24
C ARG A 203 20.28 5.91 44.41
N GLY A 204 20.60 6.52 43.28
CA GLY A 204 21.20 7.85 43.24
C GLY A 204 22.67 7.93 43.58
N GLU A 205 23.36 6.78 43.53
CA GLU A 205 24.80 6.77 43.76
C GLU A 205 25.50 6.23 42.52
N THR A 206 26.55 6.93 42.11
CA THR A 206 27.18 6.68 40.81
C THR A 206 28.69 6.44 40.93
N GLU A 207 29.24 5.70 39.97
CA GLU A 207 30.69 5.55 39.83
C GLU A 207 31.08 5.83 38.38
N TYR A 208 32.04 6.73 38.21
CA TYR A 208 32.53 7.11 36.89
C TYR A 208 33.30 5.97 36.22
N GLN A 209 32.89 5.56 35.02
CA GLN A 209 33.56 4.46 34.32
C GLN A 209 34.63 4.93 33.32
N GLY A 210 34.48 6.14 32.80
CA GLY A 210 35.43 6.70 31.83
C GLY A 210 34.74 7.34 30.64
N VAL A 211 35.54 7.72 29.64
CA VAL A 211 35.04 8.30 28.39
C VAL A 211 34.52 7.20 27.47
N HIS A 212 33.25 7.30 27.10
CA HIS A 212 32.67 6.30 26.22
C HIS A 212 33.01 6.52 24.74
N PHE A 213 32.95 7.78 24.31
CA PHE A 213 33.33 8.14 22.95
C PHE A 213 33.45 9.65 22.81
N THR A 214 34.09 10.07 21.72
CA THR A 214 34.05 11.48 21.30
C THR A 214 33.50 11.48 19.87
N VAL A 215 33.21 12.66 19.33
CA VAL A 215 32.76 12.79 17.94
C VAL A 215 33.55 13.91 17.27
N GLU A 216 33.65 13.84 15.93
CA GLU A 216 34.22 14.88 15.10
C GLU A 216 33.38 14.90 13.81
N PRO A 217 33.12 16.09 13.24
CA PRO A 217 33.46 17.41 13.76
C PRO A 217 32.52 17.76 14.92
N GLY A 218 32.82 18.85 15.63
CA GLY A 218 31.93 19.33 16.68
C GLY A 218 31.96 18.49 17.94
N LYS A 219 30.84 18.50 18.67
CA LYS A 219 30.77 17.78 19.94
C LYS A 219 29.34 17.31 20.22
N THR A 220 29.24 16.30 21.06
CA THR A 220 27.92 15.79 21.47
C THR A 220 27.30 16.70 22.51
N ASP A 221 26.14 17.21 22.17
CA ASP A 221 25.30 17.98 23.08
C ASP A 221 24.25 16.96 23.57
N GLY A 222 23.11 16.89 22.89
CA GLY A 222 22.08 15.93 23.26
C GLY A 222 22.38 14.56 22.70
N LEU A 223 21.86 13.53 23.35
CA LEU A 223 21.98 12.17 22.80
C LEU A 223 20.84 11.30 23.25
N ARG A 224 20.60 10.22 22.51
CA ARG A 224 19.55 9.26 22.83
C ARG A 224 20.07 7.84 22.60
N VAL A 225 19.35 6.87 23.16
CA VAL A 225 19.66 5.46 22.99
C VAL A 225 18.40 4.77 22.45
N ASP A 226 18.55 3.91 21.45
CA ASP A 226 17.38 3.24 20.87
C ASP A 226 17.01 1.97 21.64
N ALA A 227 15.99 1.26 21.19
CA ALA A 227 15.50 0.05 21.85
C ALA A 227 16.55 -1.08 21.88
N GLY A 228 17.51 -1.05 20.96
CA GLY A 228 18.53 -2.08 20.88
C GLY A 228 19.83 -1.69 21.57
N GLY A 229 19.82 -0.53 22.21
CA GLY A 229 21.01 -0.07 22.92
C GLY A 229 21.99 0.75 22.09
N LEU A 230 21.70 0.97 20.81
CA LEU A 230 22.60 1.81 19.99
C LEU A 230 22.53 3.26 20.45
N ILE A 231 23.64 3.96 20.30
CA ILE A 231 23.74 5.35 20.76
C ILE A 231 23.61 6.30 19.58
N TRP A 232 22.61 7.17 19.66
CA TRP A 232 22.32 8.18 18.65
C TRP A 232 22.76 9.56 19.19
N ALA A 233 23.90 10.05 18.71
CA ALA A 233 24.58 11.17 19.37
C ALA A 233 24.69 12.39 18.48
N SER A 234 24.34 13.57 18.99
CA SER A 234 24.49 14.79 18.21
C SER A 234 25.96 15.07 17.89
N ALA A 235 26.21 15.87 16.86
CA ALA A 235 27.56 16.25 16.44
C ALA A 235 27.53 17.46 15.51
N GLY A 236 28.70 17.94 15.11
CA GLY A 236 28.79 19.09 14.21
C GLY A 236 28.18 18.89 12.83
N ASP A 237 28.13 17.63 12.36
CA ASP A 237 27.66 17.32 11.01
C ASP A 237 26.37 16.49 10.98
N GLY A 238 25.79 16.25 12.15
CA GLY A 238 24.56 15.49 12.23
C GLY A 238 24.46 14.60 13.45
N VAL A 239 23.97 13.40 13.24
CA VAL A 239 23.81 12.42 14.32
C VAL A 239 24.71 11.23 14.00
N HIS A 240 25.55 10.86 14.95
CA HIS A 240 26.41 9.66 14.85
C HIS A 240 25.74 8.52 15.60
N VAL A 241 25.71 7.36 14.95
CA VAL A 241 25.03 6.20 15.49
C VAL A 241 26.13 5.24 15.86
N LEU A 242 26.15 4.88 17.14
CA LEU A 242 27.21 4.04 17.65
C LEU A 242 26.67 2.77 18.25
N THR A 243 27.48 1.73 18.15
CA THR A 243 27.28 0.49 18.87
C THR A 243 27.21 0.76 20.39
N PRO A 244 26.66 -0.18 21.17
CA PRO A 244 26.63 0.03 22.63
C PRO A 244 28.01 0.27 23.25
N ASP A 245 29.05 -0.26 22.64
CA ASP A 245 30.41 -0.07 23.10
C ASP A 245 31.07 1.24 22.63
N GLY A 246 30.38 1.96 21.74
CA GLY A 246 30.85 3.28 21.33
C GLY A 246 31.52 3.37 19.98
N ASP A 247 31.33 2.34 19.15
CA ASP A 247 31.91 2.29 17.82
C ASP A 247 30.94 2.78 16.74
N GLU A 248 31.45 3.58 15.80
CA GLU A 248 30.61 4.23 14.82
C GLU A 248 30.09 3.32 13.71
N LEU A 249 28.77 3.33 13.55
CA LEU A 249 28.12 2.58 12.53
C LEU A 249 27.95 3.45 11.31
N GLY A 250 27.63 4.73 11.57
CA GLY A 250 27.47 5.70 10.50
C GLY A 250 26.91 7.01 11.01
N ARG A 251 26.57 7.89 10.08
CA ARG A 251 26.00 9.17 10.44
C ARG A 251 24.88 9.62 9.53
N VAL A 252 23.91 10.32 10.14
CA VAL A 252 22.83 11.04 9.46
C VAL A 252 23.28 12.50 9.38
N LEU A 253 23.52 12.96 8.15
CA LEU A 253 24.18 14.24 7.91
C LEU A 253 23.20 15.39 7.78
N THR A 254 23.52 16.48 8.49
CA THR A 254 22.70 17.68 8.49
C THR A 254 23.62 18.84 8.05
N PRO A 255 23.05 19.83 7.32
CA PRO A 255 23.90 20.91 6.76
C PRO A 255 24.47 21.88 7.81
N GLN A 256 23.87 21.89 9.02
CA GLN A 256 24.40 22.65 10.14
C GLN A 256 24.54 21.72 11.36
N THR A 257 25.02 22.25 12.49
CA THR A 257 25.21 21.39 13.65
C THR A 257 23.85 20.98 14.21
N THR A 258 23.76 19.74 14.69
CA THR A 258 22.58 19.23 15.38
C THR A 258 22.87 19.31 16.87
N SER A 259 21.94 19.87 17.65
CA SER A 259 22.14 20.02 19.10
C SER A 259 21.52 18.89 19.91
N ASN A 260 20.45 18.30 19.36
CA ASN A 260 19.67 17.33 20.08
C ASN A 260 18.81 16.55 19.09
N LEU A 261 18.00 15.63 19.63
CA LEU A 261 17.25 14.65 18.84
C LEU A 261 16.28 13.86 19.73
N CYS A 262 15.30 13.20 19.13
CA CYS A 262 14.41 12.31 19.85
C CYS A 262 13.72 11.36 18.87
N PHE A 263 13.44 10.15 19.33
CA PHE A 263 12.55 9.26 18.58
C PHE A 263 11.10 9.61 18.83
N GLY A 264 10.27 9.52 17.79
CA GLY A 264 8.83 9.72 17.94
C GLY A 264 8.03 9.45 16.67
N GLY A 265 6.98 10.22 16.47
CA GLY A 265 6.09 10.00 15.34
C GLY A 265 5.01 8.96 15.64
N PRO A 266 4.09 8.77 14.69
CA PRO A 266 2.93 7.91 14.92
C PRO A 266 3.28 6.44 15.18
N GLU A 267 4.44 6.00 14.67
CA GLU A 267 4.93 4.64 14.94
C GLU A 267 6.09 4.58 15.97
N GLY A 268 6.52 5.74 16.47
CA GLY A 268 7.67 5.82 17.37
C GLY A 268 9.03 5.67 16.68
N ARG A 269 9.03 5.70 15.35
CA ARG A 269 10.24 5.34 14.54
C ARG A 269 10.88 6.52 13.79
N THR A 270 10.32 7.71 13.98
CA THR A 270 10.85 8.90 13.35
C THR A 270 11.86 9.55 14.26
N LEU A 271 13.02 9.90 13.70
CA LEU A 271 14.03 10.62 14.45
C LEU A 271 13.91 12.10 14.11
N TYR A 272 13.61 12.90 15.11
CA TYR A 272 13.56 14.34 14.97
C TYR A 272 14.91 14.90 15.39
N MSE A 273 15.34 15.99 14.76
CA MSE A 273 16.63 16.59 15.03
C MSE A 273 16.51 18.10 15.11
O MSE A 273 15.94 18.73 14.23
CB MSE A 273 17.65 16.20 13.96
CG MSE A 273 18.05 14.74 13.99
SE MSE A 273 18.89 14.16 12.31
CE MSE A 273 17.25 14.10 11.22
N THR A 274 17.03 18.68 16.19
CA THR A 274 17.13 20.12 16.29
C THR A 274 18.48 20.54 15.67
N VAL A 275 18.39 21.17 14.50
CA VAL A 275 19.56 21.45 13.65
C VAL A 275 19.80 22.97 13.55
N SER A 276 20.15 23.58 14.68
CA SER A 276 20.47 25.02 14.71
C SER A 276 19.26 25.88 14.38
N THR A 277 19.24 26.45 13.16
CA THR A 277 18.14 27.34 12.75
C THR A 277 16.93 26.58 12.19
N GLU A 278 17.05 25.24 12.14
CA GLU A 278 16.01 24.42 11.50
C GLU A 278 15.58 23.23 12.36
N PHE A 279 14.53 22.55 11.94
CA PHE A 279 14.05 21.34 12.61
C PHE A 279 13.91 20.29 11.52
N TRP A 280 14.51 19.11 11.73
CA TRP A 280 14.65 18.06 10.72
C TRP A 280 14.15 16.72 11.23
N SER A 281 13.90 15.79 10.31
CA SER A 281 13.60 14.40 10.66
C SER A 281 14.05 13.44 9.59
N ILE A 282 14.20 12.19 9.99
CA ILE A 282 14.46 11.07 9.08
C ILE A 282 13.70 9.86 9.60
N GLU A 283 13.18 9.04 8.68
CA GLU A 283 12.49 7.79 9.05
C GLU A 283 13.50 6.71 9.34
N THR A 284 13.31 6.00 10.46
CA THR A 284 14.19 4.90 10.83
C THR A 284 13.35 3.63 11.02
N ASN A 285 14.03 2.51 11.23
CA ASN A 285 13.35 1.25 11.55
C ASN A 285 13.35 0.93 13.05
N VAL A 286 13.76 1.89 13.89
CA VAL A 286 13.91 1.63 15.34
C VAL A 286 13.14 2.62 16.21
N ARG A 287 12.87 2.21 17.45
CA ARG A 287 12.25 3.04 18.46
C ARG A 287 13.26 3.44 19.54
N GLY A 288 12.94 4.50 20.29
CA GLY A 288 13.71 4.91 21.46
C GLY A 288 13.60 3.85 22.54
N LEU A 289 14.62 3.77 23.40
CA LEU A 289 14.58 2.91 24.55
C LEU A 289 13.46 3.33 25.48
N GLU A 290 12.72 2.36 26.01
CA GLU A 290 11.65 2.61 26.99
C GLU A 290 11.82 1.71 28.22
N HIS A 291 11.42 2.25 29.37
CA HIS A 291 11.43 1.52 30.66
C HIS A 291 10.61 2.28 31.70
N THR B 2 2.61 -11.31 -23.33
CA THR B 2 3.40 -10.08 -23.63
C THR B 2 2.54 -9.08 -24.43
N LEU B 3 2.77 -7.80 -24.18
CA LEU B 3 2.00 -6.73 -24.82
C LEU B 3 2.69 -6.25 -26.09
N ARG B 4 1.89 -6.09 -27.14
CA ARG B 4 2.38 -5.63 -28.42
C ARG B 4 1.50 -4.46 -28.90
N ALA B 5 1.99 -3.25 -28.65
CA ALA B 5 1.30 -2.03 -29.06
C ALA B 5 1.39 -1.79 -30.56
N ALA B 6 0.24 -1.62 -31.19
CA ALA B 6 0.19 -1.10 -32.55
C ALA B 6 0.10 0.43 -32.46
N ARG B 7 -0.58 0.93 -31.42
CA ARG B 7 -0.67 2.37 -31.17
C ARG B 7 -0.20 2.67 -29.76
N PRO B 8 0.41 3.85 -29.52
CA PRO B 8 0.97 4.14 -28.20
C PRO B 8 -0.03 4.06 -27.05
N GLU B 9 -1.28 4.47 -27.30
CA GLU B 9 -2.35 4.45 -26.28
C GLU B 9 -2.77 3.03 -25.84
N PHE B 10 -2.26 2.01 -26.52
CA PHE B 10 -2.51 0.64 -26.11
C PHE B 10 -2.05 0.35 -24.68
N LEU B 11 -0.85 0.83 -24.35
CA LEU B 11 -0.27 0.59 -23.02
C LEU B 11 -1.07 1.23 -21.87
N ASP B 12 -1.87 2.24 -22.17
CA ASP B 12 -2.74 2.86 -21.14
C ASP B 12 -3.76 1.89 -20.56
N LEU B 13 -4.08 0.83 -21.32
CA LEU B 13 -5.09 -0.15 -20.90
C LEU B 13 -4.63 -1.13 -19.83
N PHE B 14 -3.34 -1.12 -19.50
CA PHE B 14 -2.76 -2.07 -18.54
C PHE B 14 -1.88 -1.36 -17.50
N PRO B 15 -1.93 -1.81 -16.22
CA PRO B 15 -1.04 -1.25 -15.20
C PRO B 15 0.41 -1.51 -15.57
N ALA B 16 1.34 -0.67 -15.13
CA ALA B 16 2.74 -0.86 -15.52
C ALA B 16 3.18 -2.24 -15.01
N GLY B 17 3.90 -2.96 -15.86
CA GLY B 17 4.36 -4.30 -15.51
C GLY B 17 3.32 -5.40 -15.69
N ALA B 18 2.18 -5.06 -16.30
CA ALA B 18 1.13 -6.06 -16.56
C ALA B 18 1.73 -7.14 -17.45
N GLU B 19 1.45 -8.39 -17.12
CA GLU B 19 2.00 -9.49 -17.90
C GLU B 19 0.93 -10.58 -17.94
N ALA B 20 0.74 -11.21 -19.11
CA ALA B 20 -0.15 -12.36 -19.17
C ALA B 20 0.54 -13.52 -18.50
N ARG B 21 -0.17 -14.25 -17.66
CA ARG B 21 0.41 -15.43 -17.00
C ARG B 21 -0.56 -16.61 -17.00
N ARG B 22 -0.01 -17.82 -17.07
CA ARG B 22 -0.81 -19.03 -17.02
C ARG B 22 -1.27 -19.23 -15.58
N LEU B 23 -2.58 -19.45 -15.44
CA LEU B 23 -3.20 -19.71 -14.15
C LEU B 23 -3.31 -21.21 -13.89
N ALA B 24 -3.66 -21.97 -14.92
CA ALA B 24 -3.85 -23.41 -14.79
C ALA B 24 -3.64 -24.09 -16.12
N ASP B 25 -3.22 -25.35 -16.11
CA ASP B 25 -3.05 -26.13 -17.32
C ASP B 25 -3.63 -27.54 -17.19
N GLY B 26 -3.30 -28.39 -18.15
CA GLY B 26 -3.79 -29.76 -18.14
C GLY B 26 -5.11 -29.94 -18.87
N PHE B 27 -5.67 -28.84 -19.39
CA PHE B 27 -6.95 -28.89 -20.12
C PHE B 27 -6.76 -29.37 -21.57
N THR B 28 -7.85 -29.72 -22.25
CA THR B 28 -7.79 -30.10 -23.65
C THR B 28 -8.15 -28.90 -24.54
N TRP B 29 -9.35 -28.33 -24.33
CA TRP B 29 -9.76 -27.14 -25.06
C TRP B 29 -10.69 -26.27 -24.20
N THR B 30 -10.12 -25.25 -23.57
CA THR B 30 -10.88 -24.32 -22.72
C THR B 30 -11.72 -23.35 -23.55
N GLU B 31 -12.87 -22.92 -22.98
CA GLU B 31 -13.84 -22.07 -23.67
C GLU B 31 -14.80 -21.43 -22.69
N GLY B 32 -15.54 -20.44 -23.18
CA GLY B 32 -16.72 -19.91 -22.49
C GLY B 32 -16.53 -19.44 -21.06
N PRO B 33 -15.56 -18.52 -20.83
CA PRO B 33 -15.41 -18.03 -19.48
C PRO B 33 -16.37 -16.90 -19.17
N VAL B 34 -16.87 -16.89 -17.95
CA VAL B 34 -17.63 -15.77 -17.40
C VAL B 34 -17.32 -15.62 -15.91
N TYR B 35 -17.18 -14.38 -15.48
CA TYR B 35 -17.09 -14.08 -14.06
C TYR B 35 -18.50 -14.00 -13.46
N VAL B 36 -18.68 -14.67 -12.32
CA VAL B 36 -19.95 -14.74 -11.58
C VAL B 36 -19.64 -14.06 -10.26
N PRO B 37 -19.93 -12.76 -10.19
CA PRO B 37 -19.64 -12.00 -8.95
C PRO B 37 -20.13 -12.72 -7.70
N ALA B 38 -21.29 -13.37 -7.79
CA ALA B 38 -21.93 -13.96 -6.61
C ALA B 38 -21.12 -15.11 -6.04
N ARG B 39 -20.28 -15.73 -6.88
CA ARG B 39 -19.45 -16.86 -6.50
C ARG B 39 -17.96 -16.50 -6.40
N SER B 40 -17.65 -15.20 -6.56
CA SER B 40 -16.24 -14.73 -6.60
C SER B 40 -15.32 -15.65 -7.41
N ALA B 41 -15.75 -15.99 -8.63
CA ALA B 41 -15.06 -16.99 -9.44
C ALA B 41 -15.44 -16.86 -10.89
N VAL B 42 -14.49 -17.18 -11.77
CA VAL B 42 -14.74 -17.37 -13.19
C VAL B 42 -15.15 -18.84 -13.41
N ILE B 43 -16.20 -19.07 -14.19
CA ILE B 43 -16.54 -20.41 -14.61
C ILE B 43 -16.15 -20.54 -16.08
N PHE B 44 -15.53 -21.66 -16.42
CA PHE B 44 -15.15 -21.90 -17.81
C PHE B 44 -15.21 -23.38 -18.18
N SER B 45 -15.35 -23.65 -19.48
CA SER B 45 -15.50 -24.98 -20.02
C SER B 45 -14.20 -25.56 -20.50
N ASP B 46 -14.07 -26.88 -20.39
CA ASP B 46 -13.19 -27.64 -21.27
C ASP B 46 -14.09 -28.48 -22.16
N VAL B 47 -14.41 -27.97 -23.34
CA VAL B 47 -15.42 -28.60 -24.21
C VAL B 47 -15.04 -30.02 -24.66
N ARG B 48 -13.75 -30.31 -24.68
CA ARG B 48 -13.27 -31.60 -25.15
C ARG B 48 -13.05 -32.62 -24.04
N GLN B 49 -13.23 -32.18 -22.79
CA GLN B 49 -13.24 -33.09 -21.65
C GLN B 49 -14.61 -33.23 -20.97
N ASN B 50 -15.66 -32.65 -21.55
CA ASN B 50 -17.03 -32.77 -20.99
C ASN B 50 -17.12 -32.26 -19.54
N ARG B 51 -16.44 -31.17 -19.24
CA ARG B 51 -16.46 -30.61 -17.89
C ARG B 51 -16.23 -29.11 -17.85
N THR B 52 -16.66 -28.50 -16.76
CA THR B 52 -16.41 -27.10 -16.52
C THR B 52 -15.62 -26.97 -15.24
N TRP B 53 -15.08 -25.77 -15.04
CA TRP B 53 -14.17 -25.49 -13.94
C TRP B 53 -14.51 -24.13 -13.34
N ALA B 54 -14.06 -23.92 -12.10
CA ALA B 54 -14.10 -22.63 -11.44
C ALA B 54 -12.68 -22.16 -11.09
N TRP B 55 -12.40 -20.90 -11.37
CA TRP B 55 -11.16 -20.28 -10.91
C TRP B 55 -11.52 -19.14 -9.98
N SER B 56 -11.28 -19.36 -8.68
CA SER B 56 -11.73 -18.44 -7.65
C SER B 56 -10.86 -17.17 -7.59
N ASP B 57 -11.44 -16.11 -7.01
CA ASP B 57 -10.73 -14.85 -6.81
C ASP B 57 -9.55 -15.01 -5.86
N ASP B 58 -9.56 -16.03 -5.02
CA ASP B 58 -8.40 -16.28 -4.16
C ASP B 58 -7.37 -17.25 -4.79
N GLY B 59 -7.49 -17.48 -6.10
CA GLY B 59 -6.48 -18.19 -6.86
C GLY B 59 -6.54 -19.71 -6.78
N GLN B 60 -7.75 -20.25 -6.59
CA GLN B 60 -7.94 -21.71 -6.62
C GLN B 60 -8.70 -22.22 -7.84
N LEU B 61 -8.27 -23.36 -8.34
CA LEU B 61 -8.99 -24.11 -9.38
C LEU B 61 -9.78 -25.24 -8.76
N SER B 62 -11.06 -25.31 -9.09
CA SER B 62 -11.89 -26.41 -8.61
C SER B 62 -12.83 -26.94 -9.68
N PRO B 63 -13.11 -28.27 -9.65
CA PRO B 63 -14.06 -28.87 -10.59
C PRO B 63 -15.43 -28.27 -10.38
N GLU B 64 -16.07 -27.88 -11.47
CA GLU B 64 -17.39 -27.28 -11.35
C GLU B 64 -18.44 -28.34 -11.70
N MSE B 65 -18.42 -28.82 -12.94
CA MSE B 65 -19.44 -29.74 -13.39
C MSE B 65 -18.83 -30.86 -14.23
O MSE B 65 -18.01 -30.60 -15.09
CB MSE B 65 -20.47 -28.94 -14.16
CG MSE B 65 -21.60 -29.71 -14.75
SE MSE B 65 -22.55 -28.44 -15.88
CE MSE B 65 -24.17 -29.51 -16.12
N HIS B 66 -19.22 -32.11 -13.96
CA HIS B 66 -18.87 -33.26 -14.80
C HIS B 66 -19.85 -34.40 -14.55
N PRO B 67 -20.53 -34.89 -15.62
CA PRO B 67 -20.39 -34.36 -16.97
C PRO B 67 -21.05 -33.00 -17.08
N SER B 68 -20.56 -32.15 -17.96
CA SER B 68 -21.21 -30.89 -18.21
C SER B 68 -22.15 -31.01 -19.39
N HIS B 69 -22.17 -32.20 -20.00
CA HIS B 69 -22.77 -32.42 -21.32
C HIS B 69 -22.22 -31.44 -22.35
N HIS B 70 -20.93 -31.17 -22.21
CA HIS B 70 -20.18 -30.38 -23.17
C HIS B 70 -20.70 -28.95 -23.25
N GLN B 71 -20.79 -28.29 -22.10
CA GLN B 71 -21.08 -26.87 -22.06
C GLN B 71 -19.99 -26.15 -22.79
N ASN B 72 -20.33 -25.04 -23.41
CA ASN B 72 -19.34 -24.28 -24.15
C ASN B 72 -19.36 -22.86 -23.61
N GLY B 73 -20.04 -21.93 -24.28
CA GLY B 73 -20.05 -20.53 -23.87
C GLY B 73 -20.89 -20.30 -22.61
N HIS B 74 -20.55 -19.27 -21.83
CA HIS B 74 -21.29 -18.89 -20.64
C HIS B 74 -21.44 -17.38 -20.66
N CYS B 75 -22.50 -16.90 -20.01
CA CYS B 75 -22.66 -15.50 -19.68
C CYS B 75 -23.56 -15.45 -18.45
N LEU B 76 -23.90 -14.25 -17.99
CA LEU B 76 -24.92 -14.11 -16.95
C LEU B 76 -26.19 -13.49 -17.55
N ASN B 77 -27.36 -13.75 -16.94
CA ASN B 77 -28.55 -13.01 -17.30
C ASN B 77 -28.62 -11.76 -16.40
N LYS B 78 -29.68 -10.95 -16.53
CA LYS B 78 -29.79 -9.70 -15.76
C LYS B 78 -29.76 -9.94 -14.25
N GLN B 79 -30.29 -11.08 -13.82
CA GLN B 79 -30.33 -11.47 -12.40
C GLN B 79 -29.00 -12.05 -11.88
N GLY B 80 -27.99 -12.13 -12.73
CA GLY B 80 -26.70 -12.65 -12.34
C GLY B 80 -26.63 -14.18 -12.24
N HIS B 81 -27.59 -14.86 -12.84
CA HIS B 81 -27.58 -16.32 -12.92
C HIS B 81 -26.60 -16.76 -14.02
N LEU B 82 -26.01 -17.94 -13.86
CA LEU B 82 -25.13 -18.49 -14.88
C LEU B 82 -25.95 -19.09 -16.02
N ILE B 83 -25.60 -18.73 -17.25
CA ILE B 83 -26.26 -19.23 -18.45
C ILE B 83 -25.21 -20.00 -19.22
N ALA B 84 -25.57 -21.19 -19.71
CA ALA B 84 -24.64 -22.04 -20.45
C ALA B 84 -25.18 -22.41 -21.81
N CYS B 85 -24.29 -22.46 -22.81
CA CYS B 85 -24.60 -23.11 -24.07
C CYS B 85 -24.22 -24.57 -23.92
N SER B 86 -25.15 -25.48 -24.22
CA SER B 86 -24.88 -26.92 -24.11
C SER B 86 -24.79 -27.60 -25.47
N HIS B 87 -23.58 -27.99 -25.88
CA HIS B 87 -23.39 -28.82 -27.07
C HIS B 87 -24.14 -30.16 -26.98
N GLY B 88 -23.92 -30.92 -25.90
CA GLY B 88 -24.47 -32.26 -25.73
C GLY B 88 -25.99 -32.32 -25.58
N LEU B 89 -26.57 -31.30 -24.96
CA LEU B 89 -28.02 -31.22 -24.80
C LEU B 89 -28.72 -30.28 -25.82
N ARG B 90 -27.91 -29.64 -26.66
CA ARG B 90 -28.35 -28.79 -27.80
C ARG B 90 -29.33 -27.73 -27.34
N ARG B 91 -28.91 -26.98 -26.32
CA ARG B 91 -29.83 -26.08 -25.63
C ARG B 91 -29.10 -24.98 -24.86
N LEU B 92 -29.83 -23.93 -24.55
CA LEU B 92 -29.40 -22.90 -23.64
C LEU B 92 -30.04 -23.25 -22.31
N GLU B 93 -29.27 -23.11 -21.23
CA GLU B 93 -29.73 -23.50 -19.91
C GLU B 93 -29.22 -22.50 -18.88
N ARG B 94 -29.82 -22.56 -17.70
CA ARG B 94 -29.58 -21.60 -16.65
C ARG B 94 -29.37 -22.30 -15.32
N GLN B 95 -28.35 -21.86 -14.60
CA GLN B 95 -28.13 -22.31 -13.25
C GLN B 95 -28.18 -21.13 -12.30
N ARG B 96 -29.16 -21.16 -11.41
CA ARG B 96 -29.33 -20.09 -10.41
C ARG B 96 -28.32 -20.10 -9.26
N GLU B 97 -27.96 -21.29 -8.77
CA GLU B 97 -27.11 -21.43 -7.58
C GLU B 97 -25.93 -22.39 -7.83
N PRO B 98 -24.81 -22.21 -7.10
CA PRO B 98 -23.71 -23.19 -7.25
C PRO B 98 -24.18 -24.60 -6.83
N GLY B 99 -23.85 -25.62 -7.64
CA GLY B 99 -24.30 -26.98 -7.38
C GLY B 99 -25.79 -27.24 -7.62
N GLY B 100 -26.53 -26.21 -8.01
CA GLY B 100 -27.95 -26.31 -8.31
C GLY B 100 -28.25 -26.97 -9.67
N GLU B 101 -29.52 -27.32 -9.86
CA GLU B 101 -30.00 -27.93 -11.08
C GLU B 101 -29.91 -26.95 -12.26
N TRP B 102 -29.82 -27.51 -13.46
CA TRP B 102 -29.87 -26.71 -14.69
C TRP B 102 -31.27 -26.71 -15.30
N GLU B 103 -31.77 -25.51 -15.60
CA GLU B 103 -33.07 -25.33 -16.23
C GLU B 103 -32.91 -25.07 -17.70
N SER B 104 -33.64 -25.82 -18.53
CA SER B 104 -33.68 -25.58 -19.96
C SER B 104 -34.41 -24.26 -20.25
N ILE B 105 -33.79 -23.37 -21.02
CA ILE B 105 -34.45 -22.08 -21.31
C ILE B 105 -34.69 -21.88 -22.79
N ALA B 106 -33.96 -22.61 -23.62
CA ALA B 106 -34.22 -22.71 -25.05
C ALA B 106 -33.68 -24.03 -25.55
N ASP B 107 -34.56 -24.91 -26.05
CA ASP B 107 -34.11 -26.21 -26.59
C ASP B 107 -34.82 -26.69 -27.88
N SER B 108 -35.65 -25.83 -28.49
CA SER B 108 -36.21 -26.13 -29.83
C SER B 108 -36.69 -24.86 -30.51
N PHE B 109 -36.81 -24.90 -31.83
CA PHE B 109 -37.35 -23.76 -32.56
C PHE B 109 -38.33 -24.21 -33.63
N GLU B 110 -39.60 -23.81 -33.48
CA GLU B 110 -40.65 -24.14 -34.46
C GLU B 110 -40.69 -25.65 -34.71
N GLY B 111 -40.67 -26.42 -33.62
CA GLY B 111 -40.74 -27.87 -33.68
C GLY B 111 -39.48 -28.61 -34.10
N LYS B 112 -38.35 -27.92 -34.17
CA LYS B 112 -37.07 -28.53 -34.54
C LYS B 112 -36.04 -28.40 -33.39
N LYS B 113 -35.20 -29.41 -33.21
CA LYS B 113 -34.08 -29.31 -32.27
C LYS B 113 -33.13 -28.18 -32.68
N LEU B 114 -32.43 -27.60 -31.71
CA LEU B 114 -31.42 -26.60 -32.04
C LEU B 114 -30.17 -27.33 -32.49
N ASN B 115 -29.26 -26.63 -33.14
CA ASN B 115 -28.06 -27.30 -33.61
C ASN B 115 -27.20 -27.67 -32.40
N SER B 116 -26.58 -26.65 -31.79
CA SER B 116 -25.72 -26.80 -30.63
C SER B 116 -25.14 -25.44 -30.30
N PRO B 117 -25.82 -24.72 -29.42
CA PRO B 117 -25.47 -23.36 -29.08
C PRO B 117 -24.03 -23.28 -28.64
N ASN B 118 -23.34 -22.22 -29.05
CA ASN B 118 -21.89 -22.17 -28.91
C ASN B 118 -21.43 -21.04 -27.98
N ASP B 119 -21.87 -19.83 -28.27
CA ASP B 119 -21.64 -18.74 -27.35
C ASP B 119 -22.93 -17.96 -27.12
N VAL B 120 -22.95 -17.18 -26.04
CA VAL B 120 -24.14 -16.50 -25.60
C VAL B 120 -23.74 -15.16 -24.96
N CYS B 121 -24.63 -14.17 -25.08
CA CYS B 121 -24.45 -12.89 -24.40
C CYS B 121 -25.76 -12.23 -24.03
N LEU B 122 -25.67 -11.25 -23.12
CA LEU B 122 -26.82 -10.54 -22.61
C LEU B 122 -27.02 -9.18 -23.31
N ALA B 123 -28.26 -8.92 -23.72
CA ALA B 123 -28.64 -7.67 -24.37
C ALA B 123 -29.08 -6.64 -23.33
N PRO B 124 -29.01 -5.33 -23.69
CA PRO B 124 -29.48 -4.27 -22.77
C PRO B 124 -30.92 -4.43 -22.29
N ASP B 125 -31.81 -4.99 -23.12
CA ASP B 125 -33.20 -5.22 -22.73
C ASP B 125 -33.39 -6.50 -21.87
N GLY B 126 -32.30 -7.25 -21.66
CA GLY B 126 -32.37 -8.49 -20.87
C GLY B 126 -32.43 -9.74 -21.71
N SER B 127 -32.57 -9.60 -23.02
CA SER B 127 -32.63 -10.76 -23.92
C SER B 127 -31.30 -11.46 -23.87
N LEU B 128 -31.35 -12.77 -24.11
CA LEU B 128 -30.17 -13.60 -24.25
C LEU B 128 -30.05 -13.94 -25.72
N TRP B 129 -28.92 -13.58 -26.32
CA TRP B 129 -28.62 -13.92 -27.71
C TRP B 129 -27.58 -15.03 -27.77
N PHE B 130 -27.81 -16.03 -28.59
CA PHE B 130 -26.83 -17.09 -28.72
C PHE B 130 -26.61 -17.56 -30.14
N SER B 131 -25.38 -17.94 -30.44
CA SER B 131 -25.03 -18.53 -31.73
C SER B 131 -25.29 -20.03 -31.74
N ASP B 132 -25.75 -20.55 -32.87
CA ASP B 132 -26.09 -21.95 -33.01
C ASP B 132 -25.43 -22.59 -34.25
N PRO B 133 -24.07 -22.66 -34.27
CA PRO B 133 -23.44 -23.38 -35.37
C PRO B 133 -23.51 -24.88 -35.04
N THR B 134 -22.78 -25.70 -35.77
CA THR B 134 -23.01 -27.15 -35.72
C THR B 134 -21.79 -27.94 -35.17
N TYR B 135 -20.82 -27.22 -34.61
CA TYR B 135 -19.64 -27.84 -33.99
C TYR B 135 -19.99 -28.94 -33.00
N GLY B 136 -20.84 -28.60 -32.04
CA GLY B 136 -21.27 -29.53 -31.01
C GLY B 136 -21.86 -30.84 -31.51
N ILE B 137 -22.46 -30.83 -32.71
CA ILE B 137 -23.00 -32.07 -33.31
C ILE B 137 -22.16 -32.70 -34.44
N ASP B 138 -21.22 -31.94 -35.02
CA ASP B 138 -20.36 -32.45 -36.08
C ASP B 138 -19.13 -33.13 -35.53
N LYS B 139 -18.69 -32.68 -34.35
CA LYS B 139 -17.41 -33.08 -33.77
C LYS B 139 -17.62 -33.98 -32.55
N PRO B 140 -17.39 -35.30 -32.70
CA PRO B 140 -17.71 -36.23 -31.58
C PRO B 140 -17.00 -35.90 -30.26
N GLU B 141 -15.84 -35.27 -30.37
CA GLU B 141 -15.03 -34.88 -29.23
C GLU B 141 -15.61 -33.67 -28.49
N GLU B 142 -16.53 -32.96 -29.15
CA GLU B 142 -17.12 -31.73 -28.59
C GLU B 142 -18.60 -31.86 -28.23
N GLY B 143 -19.12 -33.08 -28.24
CA GLY B 143 -20.52 -33.31 -27.87
C GLY B 143 -20.91 -34.78 -27.91
N TYR B 144 -22.21 -35.04 -28.01
CA TYR B 144 -22.74 -36.38 -28.05
C TYR B 144 -23.32 -36.74 -29.42
N GLY B 145 -22.83 -36.11 -30.49
CA GLY B 145 -23.39 -36.35 -31.82
C GLY B 145 -24.78 -35.75 -31.99
N GLY B 146 -25.52 -36.23 -32.98
CA GLY B 146 -26.82 -35.70 -33.32
C GLY B 146 -26.82 -35.20 -34.76
N GLU B 147 -28.01 -35.12 -35.34
CA GLU B 147 -28.14 -34.62 -36.71
C GLU B 147 -28.86 -33.28 -36.71
N MSE B 148 -28.43 -32.40 -37.59
CA MSE B 148 -29.01 -31.07 -37.72
C MSE B 148 -30.48 -31.18 -38.17
O MSE B 148 -30.79 -31.99 -39.04
CB MSE B 148 -28.14 -30.28 -38.68
CG MSE B 148 -28.75 -29.09 -39.37
SE MSE B 148 -27.38 -28.28 -40.48
CE MSE B 148 -26.79 -29.80 -41.57
N GLU B 149 -31.35 -30.40 -37.55
CA GLU B 149 -32.77 -30.36 -37.94
C GLU B 149 -33.16 -28.99 -38.51
N LEU B 150 -32.40 -27.95 -38.16
CA LEU B 150 -32.66 -26.60 -38.65
C LEU B 150 -32.08 -26.41 -40.06
N PRO B 151 -32.63 -25.45 -40.85
CA PRO B 151 -32.11 -25.18 -42.20
C PRO B 151 -30.72 -24.53 -42.23
N GLY B 152 -30.28 -23.98 -41.11
CA GLY B 152 -29.02 -23.24 -41.10
C GLY B 152 -28.46 -23.05 -39.71
N ARG B 153 -27.47 -22.17 -39.60
CA ARG B 153 -26.75 -21.94 -38.36
C ARG B 153 -26.94 -20.48 -38.04
N TRP B 154 -27.80 -20.24 -37.06
CA TRP B 154 -28.37 -18.94 -36.81
C TRP B 154 -27.93 -18.28 -35.50
N VAL B 155 -28.23 -16.99 -35.35
CA VAL B 155 -28.11 -16.36 -34.05
C VAL B 155 -29.55 -16.17 -33.59
N PHE B 156 -29.82 -16.66 -32.38
CA PHE B 156 -31.12 -16.65 -31.77
C PHE B 156 -31.20 -15.58 -30.70
N ARG B 157 -32.42 -15.11 -30.42
CA ARG B 157 -32.72 -14.15 -29.38
C ARG B 157 -33.78 -14.76 -28.46
N LEU B 158 -33.45 -14.85 -27.17
CA LEU B 158 -34.39 -15.35 -26.20
C LEU B 158 -34.89 -14.15 -25.40
N ALA B 159 -36.10 -13.73 -25.68
CA ALA B 159 -36.72 -12.61 -24.96
C ALA B 159 -36.98 -12.94 -23.47
N PRO B 160 -36.93 -11.91 -22.58
CA PRO B 160 -37.18 -12.16 -21.15
C PRO B 160 -38.56 -12.79 -20.83
N ASP B 161 -39.51 -12.67 -21.75
CA ASP B 161 -40.80 -13.37 -21.61
C ASP B 161 -40.75 -14.82 -22.15
N GLY B 162 -39.58 -15.24 -22.63
CA GLY B 162 -39.43 -16.59 -23.17
C GLY B 162 -39.78 -16.74 -24.64
N THR B 163 -40.16 -15.64 -25.30
CA THR B 163 -40.32 -15.61 -26.75
C THR B 163 -38.97 -15.89 -27.45
N LEU B 164 -38.92 -16.91 -28.30
CA LEU B 164 -37.69 -17.23 -29.02
C LEU B 164 -37.76 -16.92 -30.52
N SER B 165 -36.76 -16.22 -31.04
CA SER B 165 -36.68 -15.87 -32.45
C SER B 165 -35.27 -16.11 -32.97
N ALA B 166 -35.13 -16.15 -34.30
CA ALA B 166 -33.79 -16.24 -34.92
C ALA B 166 -33.65 -15.10 -35.91
N PRO B 167 -33.19 -13.93 -35.42
CA PRO B 167 -33.17 -12.76 -36.28
C PRO B 167 -32.03 -12.81 -37.28
N ILE B 168 -30.94 -13.50 -36.95
CA ILE B 168 -29.74 -13.52 -37.81
C ILE B 168 -29.51 -14.86 -38.48
N ARG B 169 -29.76 -14.89 -39.78
CA ARG B 169 -29.79 -16.14 -40.54
C ARG B 169 -28.83 -16.11 -41.72
N ASP B 170 -28.02 -15.06 -41.83
CA ASP B 170 -27.13 -14.88 -43.00
C ASP B 170 -25.65 -15.19 -42.74
N ARG B 171 -25.37 -15.87 -41.63
CA ARG B 171 -24.01 -16.21 -41.26
C ARG B 171 -23.73 -17.66 -41.65
N VAL B 172 -22.46 -17.98 -41.90
CA VAL B 172 -22.03 -19.32 -42.26
C VAL B 172 -21.85 -20.18 -41.01
N LYS B 173 -21.03 -19.72 -40.06
CA LYS B 173 -20.84 -20.39 -38.75
C LYS B 173 -20.74 -19.33 -37.64
N PRO B 174 -21.90 -18.75 -37.25
CA PRO B 174 -21.91 -17.72 -36.21
C PRO B 174 -21.35 -18.32 -34.91
N ASN B 175 -20.55 -17.55 -34.17
CA ASN B 175 -19.76 -18.09 -33.07
C ASN B 175 -19.76 -17.12 -31.85
N GLY B 176 -18.82 -16.20 -31.80
CA GLY B 176 -18.76 -15.20 -30.73
C GLY B 176 -19.80 -14.13 -30.93
N LEU B 177 -20.28 -13.58 -29.82
CA LEU B 177 -21.22 -12.46 -29.86
C LEU B 177 -20.83 -11.43 -28.80
N ALA B 178 -21.05 -10.16 -29.11
CA ALA B 178 -20.91 -9.13 -28.10
C ALA B 178 -21.62 -7.87 -28.57
N PHE B 179 -22.40 -7.28 -27.66
CA PHE B 179 -23.03 -6.01 -27.89
C PHE B 179 -22.06 -4.84 -27.77
N LEU B 180 -22.30 -3.83 -28.58
CA LEU B 180 -21.56 -2.61 -28.52
C LEU B 180 -22.34 -1.66 -27.63
N PRO B 181 -21.69 -0.61 -27.10
CA PRO B 181 -22.44 0.39 -26.33
C PRO B 181 -23.59 1.04 -27.11
N SER B 182 -23.52 1.02 -28.45
CA SER B 182 -24.58 1.55 -29.31
C SER B 182 -25.85 0.70 -29.24
N GLY B 183 -25.74 -0.52 -28.70
CA GLY B 183 -26.86 -1.47 -28.65
C GLY B 183 -26.83 -2.40 -29.85
N ASN B 184 -25.91 -2.11 -30.75
CA ASN B 184 -25.70 -2.94 -31.91
C ASN B 184 -24.85 -4.18 -31.60
N LEU B 185 -24.84 -5.14 -32.52
CA LEU B 185 -24.31 -6.45 -32.21
C LEU B 185 -23.12 -6.81 -33.10
N LEU B 186 -22.08 -7.38 -32.48
CA LEU B 186 -20.99 -8.04 -33.23
C LEU B 186 -21.19 -9.55 -33.18
N VAL B 187 -20.99 -10.19 -34.33
CA VAL B 187 -21.08 -11.65 -34.45
C VAL B 187 -19.84 -12.16 -35.17
N SER B 188 -19.02 -12.97 -34.50
CA SER B 188 -17.87 -13.56 -35.18
C SER B 188 -18.34 -14.76 -36.01
N ASP B 189 -17.67 -15.02 -37.11
CA ASP B 189 -18.06 -16.11 -37.99
C ASP B 189 -16.82 -16.93 -38.29
N THR B 190 -16.84 -18.19 -37.86
CA THR B 190 -15.68 -19.07 -38.03
C THR B 190 -15.76 -19.89 -39.33
N GLY B 191 -16.72 -19.55 -40.19
CA GLY B 191 -16.77 -20.07 -41.57
C GLY B 191 -16.22 -19.04 -42.55
N ASP B 192 -16.70 -17.81 -42.36
CA ASP B 192 -16.37 -16.60 -43.12
C ASP B 192 -15.00 -16.05 -42.71
N ASN B 193 -14.57 -16.42 -41.50
CA ASN B 193 -13.35 -15.90 -40.88
C ASN B 193 -13.37 -14.38 -40.75
N ALA B 194 -14.49 -13.86 -40.27
CA ALA B 194 -14.61 -12.42 -40.02
C ALA B 194 -15.53 -12.14 -38.86
N THR B 195 -15.44 -10.93 -38.30
CA THR B 195 -16.45 -10.46 -37.35
C THR B 195 -17.36 -9.43 -38.02
N HIS B 196 -18.66 -9.65 -37.87
CA HIS B 196 -19.65 -8.88 -38.63
C HIS B 196 -20.44 -8.04 -37.69
N ARG B 197 -20.99 -6.94 -38.20
CA ARG B 197 -21.74 -6.01 -37.36
C ARG B 197 -23.19 -5.90 -37.80
N TYR B 198 -24.11 -5.83 -36.84
CA TYR B 198 -25.54 -5.71 -37.12
C TYR B 198 -26.18 -4.60 -36.32
N CYS B 199 -27.13 -3.90 -36.92
CA CYS B 199 -27.95 -2.91 -36.20
C CYS B 199 -29.28 -3.54 -35.84
N LEU B 200 -29.82 -3.19 -34.68
CA LEU B 200 -31.09 -3.75 -34.23
C LEU B 200 -32.12 -2.68 -33.90
N ASN B 201 -33.34 -2.85 -34.42
CA ASN B 201 -34.45 -1.91 -34.18
C ASN B 201 -35.24 -2.19 -32.88
N ALA B 202 -36.50 -1.75 -32.83
CA ALA B 202 -37.39 -1.99 -31.70
C ALA B 202 -37.68 -3.49 -31.46
N ARG B 203 -36.73 -4.16 -30.82
CA ARG B 203 -36.80 -5.59 -30.47
C ARG B 203 -37.03 -6.55 -31.64
N GLY B 204 -37.34 -5.99 -32.82
CA GLY B 204 -37.52 -6.75 -34.05
C GLY B 204 -36.19 -7.26 -34.61
N GLU B 205 -36.08 -7.32 -35.92
CA GLU B 205 -34.91 -7.97 -36.51
C GLU B 205 -33.63 -7.11 -36.49
N THR B 206 -32.73 -7.46 -37.40
CA THR B 206 -31.41 -6.91 -37.48
C THR B 206 -31.22 -6.51 -38.93
N GLU B 207 -30.18 -5.71 -39.18
CA GLU B 207 -29.74 -5.45 -40.53
C GLU B 207 -28.22 -5.58 -40.57
N TYR B 208 -27.75 -6.48 -41.42
CA TYR B 208 -26.34 -6.70 -41.63
C TYR B 208 -25.67 -5.41 -42.09
N GLN B 209 -24.58 -5.02 -41.43
CA GLN B 209 -23.85 -3.78 -41.77
C GLN B 209 -22.54 -4.05 -42.53
N GLY B 210 -22.04 -5.27 -42.48
CA GLY B 210 -20.82 -5.63 -43.21
C GLY B 210 -19.76 -6.18 -42.27
N VAL B 211 -18.59 -6.48 -42.82
CA VAL B 211 -17.46 -6.99 -42.04
C VAL B 211 -16.92 -5.83 -41.19
N HIS B 212 -16.88 -6.01 -39.88
CA HIS B 212 -16.36 -4.98 -39.00
C HIS B 212 -14.82 -5.07 -38.92
N PHE B 213 -14.31 -6.30 -38.85
CA PHE B 213 -12.85 -6.54 -38.84
C PHE B 213 -12.53 -8.02 -39.08
N THR B 214 -11.31 -8.30 -39.51
CA THR B 214 -10.77 -9.66 -39.45
C THR B 214 -9.51 -9.62 -38.61
N VAL B 215 -9.14 -10.76 -38.03
CA VAL B 215 -7.87 -10.85 -37.32
C VAL B 215 -6.91 -11.77 -38.08
N GLU B 216 -5.62 -11.49 -37.94
CA GLU B 216 -4.57 -12.35 -38.45
C GLU B 216 -3.47 -12.35 -37.37
N PRO B 217 -2.96 -13.55 -36.99
CA PRO B 217 -3.30 -14.88 -37.48
C PRO B 217 -4.53 -15.50 -36.85
N GLY B 218 -5.02 -16.56 -37.47
CA GLY B 218 -6.16 -17.28 -36.91
C GLY B 218 -7.48 -16.57 -37.18
N LYS B 219 -8.43 -16.81 -36.30
CA LYS B 219 -9.74 -16.17 -36.44
C LYS B 219 -10.28 -15.86 -35.06
N THR B 220 -11.22 -14.93 -35.01
CA THR B 220 -11.90 -14.55 -33.80
C THR B 220 -12.99 -15.57 -33.52
N ASP B 221 -12.84 -16.24 -32.39
CA ASP B 221 -13.83 -17.15 -31.89
C ASP B 221 -14.73 -16.29 -30.98
N GLY B 222 -14.43 -16.26 -29.67
CA GLY B 222 -15.12 -15.36 -28.72
C GLY B 222 -14.54 -13.95 -28.73
N LEU B 223 -15.37 -12.99 -28.34
CA LEU B 223 -14.98 -11.59 -28.18
C LEU B 223 -15.78 -10.94 -27.08
N ARG B 224 -15.24 -9.85 -26.52
CA ARG B 224 -15.93 -9.05 -25.52
C ARG B 224 -15.73 -7.58 -25.89
N VAL B 225 -16.61 -6.72 -25.36
CA VAL B 225 -16.50 -5.27 -25.51
C VAL B 225 -16.33 -4.69 -24.10
N ASP B 226 -15.43 -3.72 -23.97
CA ASP B 226 -15.16 -3.13 -22.67
C ASP B 226 -16.06 -1.93 -22.40
N ALA B 227 -15.94 -1.36 -21.21
CA ALA B 227 -16.84 -0.29 -20.74
C ALA B 227 -16.74 0.94 -21.63
N GLY B 228 -15.61 1.11 -22.32
CA GLY B 228 -15.39 2.22 -23.21
C GLY B 228 -15.69 1.94 -24.68
N GLY B 229 -16.09 0.70 -24.99
CA GLY B 229 -16.50 0.36 -26.35
C GLY B 229 -15.40 -0.27 -27.18
N LEU B 230 -14.23 -0.47 -26.56
CA LEU B 230 -13.13 -1.17 -27.19
C LEU B 230 -13.54 -2.63 -27.32
N ILE B 231 -13.12 -3.23 -28.44
CA ILE B 231 -13.41 -4.63 -28.74
C ILE B 231 -12.20 -5.48 -28.40
N TRP B 232 -12.41 -6.46 -27.53
CA TRP B 232 -11.37 -7.37 -27.12
C TRP B 232 -11.68 -8.74 -27.71
N ALA B 233 -10.88 -9.10 -28.71
CA ALA B 233 -11.21 -10.19 -29.65
C ALA B 233 -10.16 -11.31 -29.65
N SER B 234 -10.62 -12.55 -29.55
CA SER B 234 -9.73 -13.69 -29.61
C SER B 234 -9.11 -13.82 -31.01
N ALA B 235 -7.97 -14.50 -31.07
CA ALA B 235 -7.27 -14.71 -32.31
C ALA B 235 -6.28 -15.86 -32.14
N GLY B 236 -5.53 -16.14 -33.21
CA GLY B 236 -4.56 -17.23 -33.23
C GLY B 236 -3.39 -17.03 -32.30
N ASP B 237 -2.95 -15.77 -32.14
CA ASP B 237 -1.80 -15.46 -31.30
C ASP B 237 -2.12 -14.81 -29.95
N GLY B 238 -3.42 -14.73 -29.59
CA GLY B 238 -3.79 -14.05 -28.37
C GLY B 238 -5.07 -13.22 -28.48
N VAL B 239 -5.08 -12.06 -27.82
CA VAL B 239 -6.25 -11.19 -27.82
C VAL B 239 -5.90 -9.88 -28.45
N HIS B 240 -6.70 -9.48 -29.44
CA HIS B 240 -6.53 -8.22 -30.15
C HIS B 240 -7.47 -7.17 -29.61
N VAL B 241 -6.95 -5.98 -29.37
CA VAL B 241 -7.78 -4.93 -28.84
C VAL B 241 -7.95 -3.90 -29.93
N LEU B 242 -9.19 -3.54 -30.20
CA LEU B 242 -9.53 -2.66 -31.31
C LEU B 242 -10.38 -1.47 -30.88
N THR B 243 -10.25 -0.36 -31.60
CA THR B 243 -11.13 0.78 -31.40
C THR B 243 -12.57 0.36 -31.73
N PRO B 244 -13.58 1.13 -31.25
CA PRO B 244 -14.96 0.80 -31.59
C PRO B 244 -15.22 0.61 -33.08
N ASP B 245 -14.35 1.19 -33.91
CA ASP B 245 -14.51 1.16 -35.37
C ASP B 245 -13.73 0.02 -36.03
N GLY B 246 -13.03 -0.78 -35.21
CA GLY B 246 -12.38 -1.99 -35.70
C GLY B 246 -10.90 -1.86 -36.08
N ASP B 247 -10.26 -0.77 -35.66
CA ASP B 247 -8.82 -0.54 -35.89
C ASP B 247 -8.01 -1.04 -34.70
N GLU B 248 -6.91 -1.74 -34.98
CA GLU B 248 -6.09 -2.34 -33.92
C GLU B 248 -5.30 -1.32 -33.11
N LEU B 249 -5.48 -1.40 -31.80
CA LEU B 249 -4.68 -0.68 -30.83
C LEU B 249 -3.47 -1.50 -30.40
N GLY B 250 -3.69 -2.80 -30.20
CA GLY B 250 -2.60 -3.72 -29.93
C GLY B 250 -3.06 -5.13 -29.66
N ARG B 251 -2.15 -5.98 -29.18
CA ARG B 251 -2.51 -7.36 -28.82
C ARG B 251 -1.77 -7.91 -27.59
N VAL B 252 -2.45 -8.78 -26.85
CA VAL B 252 -1.87 -9.53 -25.72
C VAL B 252 -1.50 -10.90 -26.29
N LEU B 253 -0.22 -11.17 -26.38
CA LEU B 253 0.27 -12.40 -26.96
C LEU B 253 0.16 -13.60 -26.01
N THR B 254 -0.37 -14.71 -26.52
CA THR B 254 -0.43 -15.97 -25.78
C THR B 254 0.33 -17.04 -26.56
N PRO B 255 0.90 -18.04 -25.86
CA PRO B 255 1.71 -19.04 -26.53
C PRO B 255 0.90 -20.03 -27.38
N GLN B 256 -0.42 -20.08 -27.18
CA GLN B 256 -1.31 -20.88 -28.01
C GLN B 256 -2.54 -20.06 -28.40
N THR B 257 -3.37 -20.62 -29.29
CA THR B 257 -4.62 -20.00 -29.71
C THR B 257 -5.50 -19.70 -28.50
N THR B 258 -6.02 -18.47 -28.45
CA THR B 258 -7.01 -18.06 -27.48
C THR B 258 -8.38 -18.17 -28.15
N SER B 259 -9.31 -18.86 -27.50
CA SER B 259 -10.62 -19.11 -28.06
C SER B 259 -11.64 -18.12 -27.57
N ASN B 260 -11.43 -17.60 -26.36
CA ASN B 260 -12.40 -16.79 -25.68
C ASN B 260 -11.73 -16.07 -24.50
N LEU B 261 -12.52 -15.26 -23.78
CA LEU B 261 -12.00 -14.32 -22.78
C LEU B 261 -13.16 -13.68 -22.04
N CYS B 262 -12.88 -13.07 -20.90
CA CYS B 262 -13.87 -12.33 -20.15
C CYS B 262 -13.18 -11.40 -19.14
N PHE B 263 -13.82 -10.29 -18.82
CA PHE B 263 -13.38 -9.45 -17.72
C PHE B 263 -14.01 -9.92 -16.42
N GLY B 264 -13.25 -9.78 -15.33
CA GLY B 264 -13.79 -10.10 -14.00
C GLY B 264 -12.76 -9.88 -12.89
N GLY B 265 -12.82 -10.71 -11.86
CA GLY B 265 -11.96 -10.51 -10.72
C GLY B 265 -12.60 -9.61 -9.69
N PRO B 266 -11.96 -9.47 -8.52
CA PRO B 266 -12.64 -8.72 -7.47
C PRO B 266 -12.81 -7.22 -7.79
N GLU B 267 -12.07 -6.74 -8.79
CA GLU B 267 -12.13 -5.35 -9.26
C GLU B 267 -12.86 -5.22 -10.61
N GLY B 268 -13.11 -6.34 -11.26
CA GLY B 268 -13.78 -6.30 -12.55
C GLY B 268 -12.81 -6.00 -13.68
N ARG B 269 -11.51 -5.91 -13.34
CA ARG B 269 -10.49 -5.41 -14.29
C ARG B 269 -9.52 -6.46 -14.77
N THR B 270 -9.68 -7.68 -14.30
CA THR B 270 -8.82 -8.78 -14.75
C THR B 270 -9.38 -9.39 -16.04
N LEU B 271 -8.52 -9.57 -17.03
CA LEU B 271 -8.91 -10.23 -18.27
C LEU B 271 -8.48 -11.70 -18.27
N TYR B 272 -9.47 -12.59 -18.17
CA TYR B 272 -9.23 -14.04 -18.24
C TYR B 272 -9.27 -14.55 -19.67
N MSE B 273 -8.43 -15.53 -19.99
CA MSE B 273 -8.35 -16.01 -21.37
C MSE B 273 -8.35 -17.53 -21.39
O MSE B 273 -7.56 -18.15 -20.69
CB MSE B 273 -7.08 -15.45 -22.05
CG MSE B 273 -7.10 -13.94 -22.22
SE MSE B 273 -5.37 -13.17 -22.69
CE MSE B 273 -4.42 -13.44 -20.98
N THR B 274 -9.22 -18.12 -22.20
CA THR B 274 -9.14 -19.55 -22.49
C THR B 274 -8.14 -19.84 -23.64
N VAL B 275 -6.96 -20.38 -23.29
CA VAL B 275 -5.83 -20.53 -24.23
C VAL B 275 -5.53 -22.01 -24.49
N SER B 276 -6.41 -22.62 -25.27
CA SER B 276 -6.31 -24.04 -25.66
C SER B 276 -6.22 -24.96 -24.45
N THR B 277 -5.02 -25.47 -24.16
CA THR B 277 -4.83 -26.43 -23.07
C THR B 277 -4.63 -25.77 -21.71
N GLU B 278 -4.78 -24.44 -21.68
CA GLU B 278 -4.40 -23.66 -20.52
C GLU B 278 -5.36 -22.51 -20.27
N PHE B 279 -5.26 -21.93 -19.08
CA PHE B 279 -6.14 -20.84 -18.70
C PHE B 279 -5.24 -19.75 -18.14
N TRP B 280 -5.42 -18.52 -18.66
CA TRP B 280 -4.50 -17.42 -18.45
C TRP B 280 -5.26 -16.19 -18.01
N SER B 281 -4.55 -15.20 -17.48
CA SER B 281 -5.11 -13.88 -17.19
C SER B 281 -4.07 -12.77 -17.30
N ILE B 282 -4.55 -11.52 -17.42
CA ILE B 282 -3.67 -10.35 -17.38
C ILE B 282 -4.46 -9.28 -16.67
N GLU B 283 -3.80 -8.43 -15.87
CA GLU B 283 -4.47 -7.29 -15.26
C GLU B 283 -4.54 -6.16 -16.26
N THR B 284 -5.70 -5.51 -16.30
CA THR B 284 -5.92 -4.36 -17.17
C THR B 284 -6.43 -3.22 -16.30
N ASN B 285 -6.61 -2.06 -16.92
CA ASN B 285 -7.18 -0.89 -16.27
C ASN B 285 -8.66 -0.70 -16.60
N VAL B 286 -9.28 -1.66 -17.29
CA VAL B 286 -10.68 -1.52 -17.72
C VAL B 286 -11.59 -2.66 -17.27
N ARG B 287 -12.89 -2.35 -17.22
CA ARG B 287 -13.97 -3.30 -16.98
C ARG B 287 -14.75 -3.61 -18.27
N GLY B 288 -15.52 -4.70 -18.24
CA GLY B 288 -16.37 -5.06 -19.36
C GLY B 288 -17.58 -4.16 -19.42
N LEU B 289 -18.24 -4.10 -20.58
CA LEU B 289 -19.46 -3.31 -20.74
C LEU B 289 -20.61 -3.88 -19.92
N GLU B 290 -21.42 -2.98 -19.36
CA GLU B 290 -22.60 -3.34 -18.54
C GLU B 290 -23.85 -2.47 -18.82
N HIS B 291 -24.94 -2.74 -18.07
CA HIS B 291 -26.25 -2.06 -18.22
C HIS B 291 -26.94 -2.42 -19.55
MG MG C . 21.89 20.50 25.65
MG MG D . -16.98 -20.23 -29.52
#